data_4AGD
#
_entry.id   4AGD
#
_cell.length_a   134.694
_cell.length_b   56.980
_cell.length_c   52.720
_cell.angle_alpha   90.00
_cell.angle_beta   94.34
_cell.angle_gamma   90.00
#
_symmetry.space_group_name_H-M   'C 1 2 1'
#
loop_
_entity.id
_entity.type
_entity.pdbx_description
1 polymer 'VASCULAR ENDOTHELIAL GROWTH FACTOR RECEPTOR 2'
2 non-polymer 'N-[2-(diethylamino)ethyl]-5-[(Z)-(5-fluoro-2-oxo-1,2-dihydro-3H-indol-3-ylidene)methyl]-2,4-dimethyl-1H-pyrrole-3-carbo xamide'
3 water water
#
_entity_poly.entity_id   1
_entity_poly.type   'polypeptide(L)'
_entity_poly.pdbx_seq_one_letter_code
;MGGHHHHHHGLEVLFQGPRTVKRANGGELKTGYLSIVMDPDELPLDEHCERLPYDASKWEFPRDRLKLGKPLGRGAFGQV
IEADAFGIDKTATCRTVAVKMLKEGATHSEHRALMSELKILIHIGHHLNVVNLLGACTKPGGPLMVIVEFCKFGNLSTYL
RSKRNEFVPYKVAPEDLYKDFLTLEHLICYSFQVAKGMEFLASRKCIHRDLAARNILLSEKNVVKICDFGLARDIYKDPD
YVRKGDARLPLKWMAPETIFDRVYTIQSDVWSFGVLLWEIFSLGASPYPGVKIDEEFCRRLKEGTRMRAPDYTTPEMYQT
MLDCWHGEPSQRPTFSELVEHLGNLLQANAQQD
;
_entity_poly.pdbx_strand_id   A
#
loop_
_chem_comp.id
_chem_comp.type
_chem_comp.name
_chem_comp.formula
B49 non-polymer 'N-[2-(diethylamino)ethyl]-5-[(Z)-(5-fluoro-2-oxo-1,2-dihydro-3H-indol-3-ylidene)methyl]-2,4-dimethyl-1H-pyrrole-3-carbo xamide' 'C22 H27 F N4 O2'
#
# COMPACT_ATOMS: atom_id res chain seq x y z
N LEU A 34 -0.11 3.76 12.33
CA LEU A 34 0.32 3.13 11.05
C LEU A 34 -0.51 1.87 10.66
N SER A 35 -0.37 1.44 9.40
CA SER A 35 -1.40 0.64 8.72
C SER A 35 -1.11 -0.85 8.48
N ILE A 36 0.15 -1.21 8.20
CA ILE A 36 0.47 -2.62 8.04
C ILE A 36 0.90 -3.24 9.36
N VAL A 37 -0.01 -4.01 9.95
CA VAL A 37 0.16 -4.57 11.29
C VAL A 37 -0.11 -6.08 11.23
N MET A 38 0.18 -6.78 12.32
CA MET A 38 -0.04 -8.22 12.37
C MET A 38 -1.51 -8.55 12.65
N ASP A 39 -1.99 -9.65 12.08
CA ASP A 39 -3.39 -10.05 12.28
C ASP A 39 -3.65 -10.47 13.72
N PRO A 40 -4.59 -9.79 14.40
CA PRO A 40 -4.97 -10.12 15.79
C PRO A 40 -5.73 -11.44 15.91
N ASP A 41 -6.28 -11.91 14.79
CA ASP A 41 -6.94 -13.21 14.70
C ASP A 41 -5.99 -14.35 15.09
N GLU A 42 -4.72 -14.01 15.31
CA GLU A 42 -3.68 -15.03 15.44
C GLU A 42 -2.48 -14.55 16.26
N LEU A 43 -2.74 -13.75 17.30
CA LEU A 43 -1.75 -13.55 18.37
C LEU A 43 -1.80 -14.78 19.30
N PRO A 44 -0.92 -14.84 20.32
CA PRO A 44 0.25 -13.99 20.57
C PRO A 44 1.39 -14.22 19.56
N LEU A 52 13.13 -12.52 20.47
CA LEU A 52 12.89 -11.93 19.16
C LEU A 52 13.52 -10.53 19.00
N PRO A 53 14.63 -10.24 19.71
CA PRO A 53 15.19 -8.88 19.66
C PRO A 53 15.80 -8.46 18.32
N TYR A 54 15.98 -7.16 18.17
CA TYR A 54 16.52 -6.57 16.95
C TYR A 54 17.95 -7.07 16.68
N ASP A 55 18.19 -7.48 15.44
CA ASP A 55 19.49 -8.00 15.04
C ASP A 55 20.35 -6.89 14.43
N ALA A 56 21.19 -6.28 15.25
CA ALA A 56 21.96 -5.11 14.84
C ALA A 56 23.08 -5.47 13.87
N SER A 57 23.56 -6.71 13.97
CA SER A 57 24.65 -7.16 13.12
C SER A 57 24.20 -7.28 11.67
N LYS A 58 22.91 -7.56 11.48
CA LYS A 58 22.36 -7.78 10.16
C LYS A 58 21.70 -6.54 9.57
N TRP A 59 21.33 -5.58 10.43
CA TRP A 59 20.42 -4.49 10.04
C TRP A 59 20.95 -3.10 10.24
N GLU A 60 21.70 -2.91 11.31
CA GLU A 60 22.17 -1.60 11.70
C GLU A 60 23.03 -1.03 10.58
N PHE A 61 22.88 0.26 10.30
CA PHE A 61 23.59 0.87 9.18
C PHE A 61 24.13 2.23 9.58
N PRO A 62 25.40 2.51 9.23
CA PRO A 62 26.17 3.71 9.63
C PRO A 62 25.61 5.05 9.15
N ARG A 63 25.14 5.87 10.08
CA ARG A 63 24.57 7.17 9.74
C ARG A 63 25.52 8.00 8.89
N ASP A 64 26.79 7.59 8.84
CA ASP A 64 27.80 8.27 8.02
C ASP A 64 28.01 7.59 6.67
N ARG A 65 27.27 6.52 6.42
CA ARG A 65 27.19 5.96 5.08
C ARG A 65 25.83 6.27 4.41
N LEU A 66 25.11 7.22 5.00
CA LEU A 66 23.77 7.58 4.54
C LEU A 66 23.67 9.10 4.30
N LYS A 67 23.26 9.49 3.11
CA LYS A 67 23.28 10.88 2.69
C LYS A 67 21.87 11.37 2.33
N LEU A 68 21.32 12.24 3.18
CA LEU A 68 19.92 12.65 3.08
C LEU A 68 19.63 13.68 1.99
N GLY A 69 18.40 13.67 1.49
CA GLY A 69 18.04 14.51 0.36
C GLY A 69 16.63 15.03 0.49
N LYS A 70 15.91 15.13 -0.63
CA LYS A 70 14.58 15.72 -0.63
C LYS A 70 13.51 14.82 -0.02
N PRO A 71 12.54 15.43 0.67
CA PRO A 71 11.37 14.72 1.21
C PRO A 71 10.45 14.25 0.08
N LEU A 72 9.99 13.01 0.16
CA LEU A 72 9.13 12.48 -0.86
C LEU A 72 7.69 12.62 -0.38
N GLY A 73 7.50 12.39 0.92
CA GLY A 73 6.21 12.61 1.52
C GLY A 73 6.39 13.08 2.94
N ARG A 74 5.66 14.14 3.32
CA ARG A 74 5.59 14.54 4.71
C ARG A 74 4.20 14.26 5.24
N GLY A 75 4.14 13.76 6.46
CA GLY A 75 2.89 13.72 7.18
C GLY A 75 2.96 14.66 8.36
N ALA A 76 2.31 14.28 9.45
CA ALA A 76 2.26 15.12 10.64
C ALA A 76 3.58 15.07 11.40
N PHE A 77 3.97 13.86 11.80
CA PHE A 77 5.14 13.66 12.64
C PHE A 77 6.19 12.86 11.89
N GLY A 78 5.78 12.31 10.75
CA GLY A 78 6.65 11.46 9.97
C GLY A 78 6.91 11.97 8.56
N GLN A 79 7.90 11.36 7.93
CA GLN A 79 8.28 11.77 6.59
C GLN A 79 9.16 10.71 5.97
N VAL A 80 8.96 10.48 4.67
CA VAL A 80 9.87 9.62 3.91
C VAL A 80 10.80 10.52 3.10
N ILE A 81 12.10 10.39 3.31
CA ILE A 81 13.05 11.20 2.57
C ILE A 81 13.92 10.36 1.63
N GLU A 82 14.11 10.86 0.40
CA GLU A 82 15.03 10.21 -0.52
C GLU A 82 16.47 10.33 -0.03
N ALA A 83 17.20 9.22 -0.10
CA ALA A 83 18.55 9.18 0.44
C ALA A 83 19.50 8.41 -0.48
N ASP A 84 20.79 8.71 -0.36
CA ASP A 84 21.84 7.95 -1.05
C ASP A 84 22.63 7.20 0.02
N ALA A 85 22.72 5.88 -0.11
CA ALA A 85 23.29 5.07 0.95
C ALA A 85 24.39 4.15 0.42
N PHE A 86 25.62 4.43 0.85
CA PHE A 86 26.79 3.76 0.33
C PHE A 86 26.92 2.31 0.79
N GLY A 87 27.04 1.42 -0.19
CA GLY A 87 27.41 0.05 0.11
C GLY A 87 26.46 -0.62 1.07
N ILE A 88 25.18 -0.30 0.93
CA ILE A 88 24.16 -0.79 1.85
C ILE A 88 23.80 -2.24 1.52
N ASP A 89 24.08 -2.66 0.29
CA ASP A 89 23.84 -4.06 -0.10
C ASP A 89 24.89 -4.62 -1.07
N LYS A 90 25.44 -3.76 -1.93
CA LYS A 90 26.62 -4.11 -2.71
C LYS A 90 27.83 -3.38 -2.15
N THR A 91 28.75 -4.14 -1.57
CA THR A 91 30.02 -3.57 -1.11
C THR A 91 30.47 -2.46 -2.05
N ALA A 92 30.54 -1.24 -1.53
CA ALA A 92 31.24 -0.15 -2.21
C ALA A 92 30.46 0.52 -3.35
N THR A 93 29.21 0.14 -3.53
CA THR A 93 28.34 0.82 -4.51
C THR A 93 27.34 1.72 -3.78
N CYS A 94 27.17 2.94 -4.29
CA CYS A 94 26.09 3.82 -3.83
C CYS A 94 24.75 3.29 -4.35
N ARG A 95 23.65 3.88 -3.88
CA ARG A 95 22.35 3.27 -4.02
C ARG A 95 21.30 4.23 -3.53
N THR A 96 20.30 4.54 -4.35
CA THR A 96 19.25 5.43 -3.91
C THR A 96 18.16 4.70 -3.11
N VAL A 97 17.91 5.19 -1.90
CA VAL A 97 17.01 4.51 -0.99
C VAL A 97 15.94 5.47 -0.51
N ALA A 98 14.97 4.96 0.23
CA ALA A 98 14.01 5.82 0.92
C ALA A 98 14.11 5.61 2.42
N VAL A 99 14.40 6.68 3.13
CA VAL A 99 14.52 6.58 4.58
C VAL A 99 13.34 7.17 5.34
N LYS A 100 12.69 6.30 6.10
CA LYS A 100 11.60 6.69 6.97
C LYS A 100 12.18 7.29 8.25
N MET A 101 11.68 8.44 8.64
CA MET A 101 12.12 9.05 9.89
C MET A 101 11.09 10.02 10.47
N LEU A 102 11.26 10.36 11.74
CA LEU A 102 10.41 11.34 12.38
C LEU A 102 10.74 12.72 11.84
N LYS A 103 9.82 13.66 12.02
CA LYS A 103 10.15 15.07 11.87
C LYS A 103 9.82 15.81 13.15
N GLU A 104 9.92 17.13 13.10
CA GLU A 104 9.84 17.98 14.28
C GLU A 104 8.46 17.98 14.94
N GLY A 105 8.46 17.84 16.26
CA GLY A 105 7.21 17.82 16.99
C GLY A 105 6.77 16.42 17.32
N ALA A 106 7.54 15.43 16.89
CA ALA A 106 7.23 14.07 17.26
C ALA A 106 7.53 13.88 18.75
N THR A 107 6.82 12.93 19.37
CA THR A 107 7.10 12.55 20.75
C THR A 107 7.59 11.11 20.74
N HIS A 108 7.96 10.59 21.90
CA HIS A 108 8.40 9.20 21.99
C HIS A 108 7.28 8.26 21.56
N SER A 109 6.06 8.77 21.54
CA SER A 109 4.93 8.00 21.07
C SER A 109 5.12 7.64 19.61
N GLU A 110 5.44 8.64 18.80
CA GLU A 110 5.78 8.43 17.39
C GLU A 110 6.98 7.50 17.29
N HIS A 111 8.06 7.88 17.99
CA HIS A 111 9.31 7.13 17.96
C HIS A 111 9.08 5.64 18.19
N ARG A 112 8.17 5.32 19.11
CA ARG A 112 7.77 3.93 19.34
C ARG A 112 6.99 3.38 18.17
N ALA A 113 6.10 4.18 17.59
CA ALA A 113 5.43 3.77 16.36
C ALA A 113 6.45 3.34 15.29
N LEU A 114 7.50 4.16 15.12
CA LEU A 114 8.54 3.91 14.13
C LEU A 114 9.41 2.71 14.51
N MET A 115 9.61 2.50 15.81
CA MET A 115 10.30 1.30 16.26
C MET A 115 9.47 0.07 15.88
N SER A 116 8.16 0.24 15.88
CA SER A 116 7.23 -0.83 15.52
C SER A 116 7.29 -1.19 14.04
N GLU A 117 7.29 -0.17 13.18
CA GLU A 117 7.30 -0.41 11.73
C GLU A 117 8.54 -1.23 11.35
N LEU A 118 9.69 -0.83 11.89
CA LEU A 118 10.94 -1.55 11.65
C LEU A 118 10.77 -3.01 12.06
N LYS A 119 10.17 -3.21 13.22
CA LYS A 119 9.98 -4.54 13.79
C LYS A 119 9.17 -5.45 12.86
N ILE A 120 8.06 -4.95 12.36
CA ILE A 120 7.26 -5.78 11.48
C ILE A 120 7.91 -5.85 10.10
N LEU A 121 8.55 -4.78 9.68
CA LEU A 121 9.36 -4.84 8.46
C LEU A 121 10.32 -6.01 8.54
N ILE A 122 11.05 -6.11 9.64
CA ILE A 122 11.96 -7.24 9.83
C ILE A 122 11.19 -8.56 9.85
N HIS A 123 10.05 -8.58 10.53
CA HIS A 123 9.23 -9.78 10.55
C HIS A 123 8.90 -10.24 9.13
N ILE A 124 7.94 -9.56 8.49
CA ILE A 124 7.47 -9.97 7.16
C ILE A 124 8.61 -10.43 6.25
N GLY A 125 9.75 -9.75 6.31
CA GLY A 125 10.87 -10.14 5.48
C GLY A 125 10.71 -9.80 4.00
N HIS A 126 11.70 -10.19 3.20
CA HIS A 126 11.74 -9.80 1.78
C HIS A 126 10.66 -10.48 0.93
N HIS A 127 9.85 -9.66 0.26
CA HIS A 127 9.15 -10.08 -0.95
C HIS A 127 9.24 -8.97 -1.96
N LEU A 128 9.12 -9.32 -3.24
CA LEU A 128 9.33 -8.40 -4.34
C LEU A 128 8.21 -7.38 -4.56
N ASN A 129 6.98 -7.77 -4.20
CA ASN A 129 5.82 -6.92 -4.47
C ASN A 129 5.44 -6.10 -3.25
N VAL A 130 6.23 -6.22 -2.20
CA VAL A 130 6.09 -5.34 -1.04
C VAL A 130 7.39 -4.51 -0.94
N VAL A 131 7.32 -3.37 -0.24
CA VAL A 131 8.54 -2.64 0.07
C VAL A 131 9.38 -3.41 1.08
N ASN A 132 10.68 -3.49 0.82
CA ASN A 132 11.59 -4.22 1.70
C ASN A 132 12.47 -3.29 2.46
N LEU A 133 12.80 -3.71 3.67
CA LEU A 133 13.76 -3.02 4.52
C LEU A 133 15.20 -3.27 4.01
N LEU A 134 15.98 -2.20 3.92
CA LEU A 134 17.38 -2.36 3.57
C LEU A 134 18.27 -2.34 4.82
N GLY A 135 17.93 -1.47 5.77
CA GLY A 135 18.70 -1.41 6.99
C GLY A 135 18.16 -0.31 7.88
N ALA A 136 18.77 -0.14 9.05
CA ALA A 136 18.26 0.78 10.07
C ALA A 136 19.37 1.42 10.90
N CYS A 137 19.26 2.73 11.10
CA CYS A 137 20.10 3.44 12.07
C CYS A 137 19.36 3.61 13.39
N THR A 138 19.52 2.63 14.27
CA THR A 138 18.83 2.62 15.57
C THR A 138 19.83 2.85 16.68
N LYS A 139 20.92 3.55 16.35
CA LYS A 139 21.94 3.88 17.32
C LYS A 139 21.43 5.03 18.19
N PRO A 140 21.94 5.13 19.42
CA PRO A 140 21.68 6.29 20.28
C PRO A 140 22.41 7.54 19.81
N GLY A 141 21.91 8.71 20.21
CA GLY A 141 22.53 9.96 19.82
C GLY A 141 22.20 10.37 18.40
N GLY A 142 21.19 9.73 17.81
CA GLY A 142 20.78 10.04 16.46
C GLY A 142 19.32 9.70 16.14
N PRO A 143 18.71 10.37 15.15
CA PRO A 143 17.32 10.11 14.79
C PRO A 143 17.16 8.66 14.37
N LEU A 144 16.16 7.97 14.90
CA LEU A 144 15.83 6.65 14.39
C LEU A 144 15.56 6.74 12.87
N MET A 145 16.09 5.80 12.11
CA MET A 145 15.91 5.81 10.66
C MET A 145 15.77 4.41 10.08
N VAL A 146 14.62 4.15 9.48
CA VAL A 146 14.38 2.89 8.80
C VAL A 146 14.59 3.10 7.29
N ILE A 147 15.45 2.27 6.69
CA ILE A 147 15.80 2.42 5.28
C ILE A 147 15.16 1.32 4.40
N VAL A 148 14.45 1.76 3.37
CA VAL A 148 13.59 0.87 2.61
C VAL A 148 13.76 1.12 1.10
N GLU A 149 13.22 0.23 0.28
CA GLU A 149 13.40 0.35 -1.15
C GLU A 149 12.81 1.66 -1.68
N PHE A 150 13.60 2.38 -2.47
CA PHE A 150 13.12 3.57 -3.17
C PHE A 150 12.36 3.16 -4.42
N CYS A 151 11.27 3.86 -4.71
CA CYS A 151 10.46 3.56 -5.89
C CYS A 151 10.30 4.82 -6.72
N LYS A 152 11.02 4.87 -7.84
CA LYS A 152 11.28 6.11 -8.57
C LYS A 152 10.01 6.82 -9.07
N PHE A 153 8.93 6.06 -9.24
CA PHE A 153 7.68 6.63 -9.75
C PHE A 153 6.60 6.90 -8.69
N GLY A 154 6.90 6.65 -7.43
CA GLY A 154 5.97 7.01 -6.37
C GLY A 154 4.71 6.15 -6.35
N ASN A 155 3.64 6.65 -5.74
CA ASN A 155 2.40 5.87 -5.56
C ASN A 155 1.65 5.65 -6.88
N LEU A 156 0.88 4.56 -6.95
CA LEU A 156 0.26 4.18 -8.22
C LEU A 156 -0.79 5.16 -8.67
N SER A 157 -1.64 5.60 -7.75
CA SER A 157 -2.75 6.46 -8.12
C SER A 157 -2.27 7.64 -8.93
N THR A 158 -1.42 8.44 -8.31
CA THR A 158 -0.92 9.64 -8.96
C THR A 158 -0.21 9.27 -10.27
N TYR A 159 0.36 8.08 -10.35
CA TYR A 159 1.04 7.69 -11.57
C TYR A 159 0.08 7.39 -12.73
N LEU A 160 -0.93 6.56 -12.50
CA LEU A 160 -1.90 6.24 -13.55
C LEU A 160 -2.68 7.48 -13.96
N ARG A 161 -3.06 8.29 -12.98
CA ARG A 161 -3.83 9.51 -13.25
C ARG A 161 -3.08 10.46 -14.17
N SER A 162 -1.77 10.31 -14.20
CA SER A 162 -0.93 11.14 -15.07
C SER A 162 -0.74 10.51 -16.45
N LYS A 163 -1.15 9.25 -16.61
CA LYS A 163 -0.85 8.49 -17.82
C LYS A 163 -2.09 8.40 -18.72
N ARG A 164 -3.12 9.16 -18.36
CA ARG A 164 -4.41 9.09 -19.05
C ARG A 164 -4.26 9.32 -20.54
N ASN A 165 -3.34 10.21 -20.90
CA ASN A 165 -3.12 10.54 -22.29
C ASN A 165 -2.39 9.41 -23.03
N GLU A 166 -1.36 8.89 -22.40
CA GLU A 166 -0.54 7.81 -22.94
C GLU A 166 -1.01 6.45 -22.45
N PHE A 167 -2.18 6.02 -22.90
CA PHE A 167 -2.68 4.67 -22.64
C PHE A 167 -3.28 4.08 -23.92
N VAL A 168 -3.26 2.75 -24.03
CA VAL A 168 -3.93 2.04 -25.12
C VAL A 168 -4.11 0.56 -24.80
N PRO A 169 -5.31 0.00 -25.06
CA PRO A 169 -5.64 -1.35 -24.60
C PRO A 169 -4.68 -2.42 -25.13
N TYR A 170 -4.03 -2.11 -26.26
CA TYR A 170 -3.13 -3.07 -26.91
C TYR A 170 -2.04 -2.35 -27.70
N TYR A 178 5.13 3.38 -30.07
CA TYR A 178 4.14 3.42 -29.00
C TYR A 178 4.74 3.23 -27.60
N LYS A 179 6.06 3.24 -27.53
CA LYS A 179 6.77 3.11 -26.26
C LYS A 179 6.18 4.03 -25.20
N ASP A 180 6.41 3.69 -23.94
CA ASP A 180 5.99 4.52 -22.80
C ASP A 180 4.54 4.29 -22.43
N PHE A 181 3.71 4.02 -23.44
CA PHE A 181 2.27 3.91 -23.25
C PHE A 181 1.88 2.78 -22.31
N LEU A 182 0.86 3.03 -21.49
CA LEU A 182 0.25 1.97 -20.71
C LEU A 182 -0.72 1.20 -21.58
N THR A 183 -0.83 -0.09 -21.31
CA THR A 183 -1.77 -0.93 -22.02
C THR A 183 -2.52 -1.75 -20.99
N LEU A 184 -3.51 -2.52 -21.45
CA LEU A 184 -4.30 -3.36 -20.57
C LEU A 184 -3.44 -4.46 -19.96
N GLU A 185 -2.36 -4.81 -20.65
CA GLU A 185 -1.44 -5.83 -20.18
C GLU A 185 -0.81 -5.42 -18.86
N HIS A 186 -0.32 -4.18 -18.83
CA HIS A 186 0.21 -3.56 -17.63
C HIS A 186 -0.78 -3.58 -16.48
N LEU A 187 -2.03 -3.18 -16.76
CA LEU A 187 -3.00 -2.96 -15.70
C LEU A 187 -3.37 -4.26 -15.02
N ILE A 188 -3.59 -5.29 -15.83
CA ILE A 188 -3.79 -6.63 -15.31
C ILE A 188 -2.58 -7.02 -14.46
N CYS A 189 -1.38 -6.76 -15.00
CA CYS A 189 -0.12 -7.08 -14.36
C CYS A 189 0.06 -6.43 -12.97
N TYR A 190 -0.23 -5.14 -12.87
CA TYR A 190 -0.10 -4.44 -11.59
C TYR A 190 -1.03 -5.09 -10.57
N SER A 191 -2.29 -5.25 -10.94
CA SER A 191 -3.30 -5.88 -10.09
C SER A 191 -2.78 -7.22 -9.57
N PHE A 192 -2.22 -7.99 -10.49
CA PHE A 192 -1.75 -9.33 -10.19
C PHE A 192 -0.59 -9.25 -9.18
N GLN A 193 0.30 -8.29 -9.38
CA GLN A 193 1.44 -8.08 -8.50
C GLN A 193 0.97 -7.78 -7.09
N VAL A 194 -0.06 -6.96 -6.94
CA VAL A 194 -0.53 -6.57 -5.61
C VAL A 194 -1.21 -7.73 -4.90
N ALA A 195 -1.95 -8.52 -5.66
CA ALA A 195 -2.57 -9.74 -5.13
C ALA A 195 -1.49 -10.62 -4.50
N LYS A 196 -0.47 -10.93 -5.31
CA LYS A 196 0.69 -11.65 -4.85
C LYS A 196 1.30 -11.02 -3.61
N GLY A 197 1.54 -9.71 -3.69
CA GLY A 197 2.10 -8.98 -2.57
C GLY A 197 1.22 -9.13 -1.36
N MET A 198 -0.08 -9.03 -1.55
CA MET A 198 -1.04 -9.16 -0.47
C MET A 198 -1.06 -10.58 0.10
N GLU A 199 -0.79 -11.54 -0.78
CA GLU A 199 -0.73 -12.96 -0.40
C GLU A 199 0.45 -13.20 0.52
N PHE A 200 1.64 -12.88 0.03
CA PHE A 200 2.84 -12.92 0.86
C PHE A 200 2.58 -12.20 2.17
N LEU A 201 1.86 -11.10 2.08
CA LEU A 201 1.61 -10.26 3.25
C LEU A 201 0.71 -11.03 4.23
N ALA A 202 -0.11 -11.91 3.69
CA ALA A 202 -0.93 -12.77 4.51
C ALA A 202 -0.10 -13.91 5.11
N SER A 203 0.74 -14.53 4.28
CA SER A 203 1.55 -15.70 4.69
C SER A 203 2.38 -15.43 5.94
N ARG A 204 2.68 -14.16 6.18
CA ARG A 204 3.50 -13.75 7.30
C ARG A 204 2.59 -13.31 8.43
N LYS A 205 1.31 -13.69 8.32
CA LYS A 205 0.28 -13.35 9.30
C LYS A 205 0.14 -11.84 9.55
N CYS A 206 0.05 -11.06 8.47
CA CYS A 206 -0.15 -9.62 8.59
C CYS A 206 -1.48 -9.18 7.99
N ILE A 207 -1.86 -7.95 8.29
CA ILE A 207 -2.97 -7.30 7.60
C ILE A 207 -2.62 -5.85 7.23
N HIS A 208 -3.11 -5.40 6.07
CA HIS A 208 -3.00 -4.00 5.67
C HIS A 208 -4.31 -3.27 5.93
N ARG A 209 -4.34 -2.46 6.99
CA ARG A 209 -5.58 -1.79 7.35
C ARG A 209 -5.80 -0.48 6.59
N ASP A 210 -5.14 -0.33 5.44
CA ASP A 210 -5.29 0.86 4.60
C ASP A 210 -4.88 0.58 3.17
N LEU A 211 -5.29 -0.58 2.65
CA LEU A 211 -4.89 -0.97 1.30
C LEU A 211 -5.60 -0.11 0.23
N ALA A 212 -4.82 0.73 -0.44
CA ALA A 212 -5.32 1.59 -1.51
C ALA A 212 -4.23 1.82 -2.54
N ALA A 213 -4.61 2.21 -3.77
CA ALA A 213 -3.65 2.49 -4.82
C ALA A 213 -2.68 3.60 -4.45
N ARG A 214 -2.99 4.34 -3.39
CA ARG A 214 -2.16 5.45 -2.92
C ARG A 214 -1.09 4.93 -1.97
N ASN A 215 -1.27 3.70 -1.48
CA ASN A 215 -0.26 3.02 -0.66
C ASN A 215 0.35 1.87 -1.45
N ILE A 216 0.51 2.11 -2.75
CA ILE A 216 1.18 1.16 -3.62
C ILE A 216 2.09 1.92 -4.56
N LEU A 217 3.35 1.50 -4.60
CA LEU A 217 4.34 2.23 -5.36
C LEU A 217 4.80 1.51 -6.63
N LEU A 218 5.14 2.31 -7.65
CA LEU A 218 5.70 1.80 -8.88
C LEU A 218 7.19 2.11 -8.90
N SER A 219 8.02 1.12 -9.20
CA SER A 219 9.44 1.42 -9.39
C SER A 219 9.91 1.18 -10.82
N GLU A 220 11.20 0.95 -10.98
CA GLU A 220 11.71 0.67 -12.30
C GLU A 220 11.16 -0.67 -12.77
N LYS A 221 11.03 -0.81 -14.09
CA LYS A 221 10.68 -2.06 -14.75
C LYS A 221 9.35 -2.66 -14.34
N ASN A 222 8.39 -1.78 -14.02
CA ASN A 222 7.00 -2.15 -13.81
C ASN A 222 6.76 -3.06 -12.62
N VAL A 223 7.65 -2.98 -11.64
CA VAL A 223 7.41 -3.64 -10.37
C VAL A 223 6.59 -2.68 -9.52
N VAL A 224 5.61 -3.23 -8.81
CA VAL A 224 4.84 -2.45 -7.85
C VAL A 224 4.96 -3.08 -6.49
N LYS A 225 5.06 -2.23 -5.48
CA LYS A 225 5.30 -2.70 -4.12
C LYS A 225 4.25 -2.14 -3.18
N ILE A 226 3.64 -3.01 -2.39
CA ILE A 226 2.75 -2.58 -1.33
C ILE A 226 3.58 -1.89 -0.25
N CYS A 227 3.09 -0.75 0.24
CA CYS A 227 3.80 -0.01 1.29
C CYS A 227 2.83 0.53 2.34
N ASP A 228 3.39 1.03 3.43
CA ASP A 228 2.61 1.76 4.42
C ASP A 228 3.28 3.09 4.68
N PHE A 229 2.73 4.16 4.12
CA PHE A 229 3.31 5.48 4.29
C PHE A 229 3.46 5.81 5.74
N GLY A 230 2.61 5.18 6.56
CA GLY A 230 2.64 5.43 7.99
C GLY A 230 2.57 6.90 8.36
N LEU A 231 3.51 7.34 9.18
CA LEU A 231 3.50 8.70 9.70
C LEU A 231 3.70 9.73 8.60
N ALA A 232 4.20 9.27 7.46
CA ALA A 232 4.54 10.18 6.36
C ALA A 232 3.30 10.54 5.55
N ARG A 233 2.15 10.03 5.99
CA ARG A 233 0.86 10.42 5.41
C ARG A 233 0.06 11.18 6.46
N ASP A 234 -0.33 12.42 6.14
CA ASP A 234 -1.26 13.14 6.98
C ASP A 234 -2.72 12.93 6.57
N ILE A 235 -3.47 12.25 7.43
CA ILE A 235 -4.87 11.93 7.20
C ILE A 235 -5.77 13.12 7.52
N TYR A 236 -5.21 14.15 8.14
CA TYR A 236 -5.98 15.34 8.48
C TYR A 236 -5.90 16.34 7.34
N LYS A 237 -5.33 15.91 6.22
CA LYS A 237 -5.08 16.78 5.09
C LYS A 237 -5.29 16.03 3.76
N ASP A 238 -5.48 14.72 3.86
CA ASP A 238 -5.89 13.89 2.71
C ASP A 238 -7.38 13.60 2.82
N PRO A 239 -8.16 14.05 1.82
CA PRO A 239 -9.60 13.88 1.75
C PRO A 239 -10.06 12.44 1.49
N ASP A 240 -9.13 11.54 1.18
CA ASP A 240 -9.48 10.11 1.08
C ASP A 240 -9.80 9.59 2.47
N TYR A 241 -9.60 10.43 3.48
CA TYR A 241 -9.77 10.06 4.88
C TYR A 241 -10.86 10.92 5.53
N VAL A 242 -11.94 10.27 5.95
CA VAL A 242 -13.11 10.96 6.47
C VAL A 242 -13.09 11.07 8.00
N ARG A 243 -13.52 12.22 8.53
CA ARG A 243 -13.57 12.39 9.98
C ARG A 243 -14.74 11.62 10.59
N LYS A 244 -14.45 10.87 11.65
CA LYS A 244 -15.46 10.10 12.38
C LYS A 244 -15.16 10.13 13.87
N GLY A 245 -15.65 11.17 14.54
CA GLY A 245 -15.11 11.54 15.83
C GLY A 245 -13.80 12.28 15.64
N ASP A 246 -12.74 11.75 16.24
CA ASP A 246 -11.39 12.21 15.94
C ASP A 246 -10.64 11.13 15.16
N ALA A 247 -11.30 10.01 14.93
CA ALA A 247 -10.80 9.00 14.00
C ALA A 247 -11.16 9.39 12.57
N ARG A 248 -10.19 9.35 11.68
CA ARG A 248 -10.43 9.68 10.28
C ARG A 248 -10.10 8.51 9.37
N LEU A 249 -11.12 7.98 8.68
CA LEU A 249 -11.02 6.67 8.04
C LEU A 249 -11.23 6.69 6.51
N PRO A 250 -10.44 5.87 5.79
CA PRO A 250 -10.49 5.64 4.35
C PRO A 250 -11.77 4.92 3.92
N LEU A 251 -12.90 5.59 4.12
CA LEU A 251 -14.18 4.90 4.13
C LEU A 251 -14.51 4.25 2.81
N LYS A 252 -14.17 4.93 1.72
CA LYS A 252 -14.38 4.35 0.38
C LYS A 252 -13.74 2.98 0.25
N TRP A 253 -12.66 2.75 1.00
CA TRP A 253 -11.90 1.52 0.89
C TRP A 253 -12.34 0.48 1.90
N MET A 254 -12.86 0.96 3.02
CA MET A 254 -13.14 0.10 4.16
C MET A 254 -14.31 -0.80 3.87
N ALA A 255 -14.13 -2.09 4.12
CA ALA A 255 -15.22 -3.06 3.99
C ALA A 255 -16.28 -2.77 5.07
N PRO A 256 -17.52 -3.23 4.83
CA PRO A 256 -18.66 -2.95 5.70
C PRO A 256 -18.51 -3.39 7.17
N GLU A 257 -18.09 -4.64 7.37
CA GLU A 257 -17.90 -5.17 8.73
C GLU A 257 -16.91 -4.32 9.48
N THR A 258 -15.92 -3.85 8.75
CA THR A 258 -14.89 -2.99 9.33
C THR A 258 -15.52 -1.66 9.73
N ILE A 259 -16.46 -1.20 8.92
CA ILE A 259 -17.05 0.12 9.10
C ILE A 259 -18.07 0.16 10.23
N PHE A 260 -18.95 -0.83 10.27
CA PHE A 260 -20.06 -0.84 11.24
C PHE A 260 -19.60 -1.37 12.58
N ASP A 261 -18.75 -2.39 12.53
CA ASP A 261 -18.29 -3.08 13.72
C ASP A 261 -16.86 -2.66 14.07
N ARG A 262 -15.95 -2.84 13.12
CA ARG A 262 -14.51 -2.64 13.30
C ARG A 262 -13.80 -3.98 13.28
N VAL A 263 -14.18 -4.81 12.32
CA VAL A 263 -13.51 -6.07 12.11
C VAL A 263 -12.54 -5.95 10.93
N TYR A 264 -11.25 -5.85 11.24
CA TYR A 264 -10.20 -5.95 10.21
C TYR A 264 -9.76 -7.40 10.03
N THR A 265 -9.74 -7.85 8.80
CA THR A 265 -9.36 -9.23 8.52
C THR A 265 -8.65 -9.20 7.16
N ILE A 266 -7.95 -10.27 6.86
CA ILE A 266 -7.38 -10.41 5.53
C ILE A 266 -8.49 -10.21 4.50
N GLN A 267 -9.73 -10.45 4.92
CA GLN A 267 -10.84 -10.49 3.98
C GLN A 267 -11.52 -9.15 3.80
N SER A 268 -11.69 -8.41 4.89
CA SER A 268 -12.14 -7.03 4.78
C SER A 268 -11.06 -6.22 4.05
N ASP A 269 -10.02 -6.91 3.61
CA ASP A 269 -8.96 -6.32 2.80
C ASP A 269 -9.21 -6.56 1.33
N VAL A 270 -9.61 -7.78 1.01
CA VAL A 270 -10.03 -8.15 -0.34
C VAL A 270 -11.01 -7.11 -0.88
N TRP A 271 -11.93 -6.68 -0.03
CA TRP A 271 -12.85 -5.61 -0.39
C TRP A 271 -12.03 -4.41 -0.83
N SER A 272 -11.15 -3.95 0.06
CA SER A 272 -10.23 -2.86 -0.24
C SER A 272 -9.53 -3.11 -1.56
N PHE A 273 -9.12 -4.36 -1.79
CA PHE A 273 -8.42 -4.73 -2.99
C PHE A 273 -9.36 -4.70 -4.19
N GLY A 274 -10.64 -4.97 -3.95
CA GLY A 274 -11.62 -4.81 -5.00
C GLY A 274 -11.68 -3.35 -5.43
N VAL A 275 -11.76 -2.46 -4.45
CA VAL A 275 -11.72 -1.03 -4.68
C VAL A 275 -10.38 -0.64 -5.31
N LEU A 276 -9.31 -1.34 -4.92
CA LEU A 276 -7.99 -1.05 -5.44
C LEU A 276 -8.01 -1.36 -6.93
N LEU A 277 -8.62 -2.49 -7.30
CA LEU A 277 -8.75 -2.84 -8.71
C LEU A 277 -9.46 -1.75 -9.51
N TRP A 278 -10.52 -1.18 -8.93
CA TRP A 278 -11.22 -0.11 -9.60
C TRP A 278 -10.25 1.02 -9.92
N GLU A 279 -9.55 1.52 -8.89
CA GLU A 279 -8.64 2.65 -9.06
C GLU A 279 -7.71 2.39 -10.22
N ILE A 280 -7.33 1.14 -10.41
CA ILE A 280 -6.42 0.78 -11.48
C ILE A 280 -7.07 0.93 -12.86
N PHE A 281 -8.22 0.28 -13.04
CA PHE A 281 -8.87 0.26 -14.34
C PHE A 281 -9.75 1.46 -14.55
N SER A 282 -9.50 2.50 -13.75
CA SER A 282 -10.02 3.83 -13.99
C SER A 282 -8.84 4.76 -14.26
N LEU A 283 -7.64 4.20 -14.23
CA LEU A 283 -6.40 4.99 -14.25
C LEU A 283 -6.35 6.09 -13.17
N GLY A 284 -6.47 5.68 -11.91
CA GLY A 284 -6.20 6.60 -10.81
C GLY A 284 -7.34 7.55 -10.57
N ALA A 285 -8.57 7.05 -10.66
CA ALA A 285 -9.74 7.86 -10.33
C ALA A 285 -10.13 7.55 -8.88
N SER A 286 -10.56 8.54 -8.11
CA SER A 286 -11.05 8.22 -6.76
C SER A 286 -12.44 7.60 -6.80
N PRO A 287 -12.65 6.55 -5.97
CA PRO A 287 -13.91 5.77 -5.93
C PRO A 287 -15.14 6.57 -5.56
N TYR A 288 -16.30 6.06 -5.96
CA TYR A 288 -17.59 6.73 -5.73
C TYR A 288 -17.49 8.21 -6.05
N PRO A 289 -17.55 8.54 -7.34
CA PRO A 289 -17.49 9.90 -7.88
C PRO A 289 -18.70 10.74 -7.47
N GLY A 290 -18.44 11.95 -7.01
CA GLY A 290 -19.51 12.86 -6.64
C GLY A 290 -20.17 12.47 -5.34
N VAL A 291 -20.43 11.17 -5.19
CA VAL A 291 -21.10 10.63 -4.02
C VAL A 291 -20.52 11.19 -2.71
N LYS A 292 -21.36 11.89 -1.96
CA LYS A 292 -20.98 12.37 -0.64
C LYS A 292 -20.91 11.17 0.30
N ILE A 293 -19.80 11.08 1.03
CA ILE A 293 -19.61 9.97 1.95
C ILE A 293 -20.16 10.35 3.30
N ASP A 294 -21.25 9.68 3.69
CA ASP A 294 -22.03 10.07 4.86
C ASP A 294 -22.84 8.90 5.39
N GLU A 295 -23.58 9.13 6.46
CA GLU A 295 -24.38 8.09 7.08
C GLU A 295 -25.16 7.33 6.01
N GLU A 296 -25.53 8.06 4.96
CA GLU A 296 -26.25 7.51 3.82
C GLU A 296 -25.42 6.50 3.04
N PHE A 297 -24.26 6.96 2.57
CA PHE A 297 -23.32 6.14 1.84
C PHE A 297 -23.29 4.72 2.41
N CYS A 298 -22.91 4.64 3.68
CA CYS A 298 -22.71 3.37 4.37
C CYS A 298 -23.91 2.47 4.22
N ARG A 299 -25.08 3.06 4.33
CA ARG A 299 -26.31 2.31 4.13
C ARG A 299 -26.24 1.53 2.82
N ARG A 300 -26.45 2.22 1.69
CA ARG A 300 -26.55 1.55 0.41
C ARG A 300 -25.48 0.49 0.20
N LEU A 301 -24.34 0.68 0.86
CA LEU A 301 -23.22 -0.21 0.68
C LEU A 301 -23.53 -1.65 1.10
N LYS A 302 -24.26 -1.78 2.20
CA LYS A 302 -24.62 -3.11 2.70
C LYS A 302 -25.94 -3.59 2.08
N GLU A 303 -26.62 -2.70 1.36
CA GLU A 303 -27.69 -3.11 0.48
C GLU A 303 -27.11 -3.71 -0.79
N GLY A 304 -25.87 -4.17 -0.71
CA GLY A 304 -25.22 -4.77 -1.86
C GLY A 304 -25.00 -3.82 -3.03
N THR A 305 -24.93 -2.52 -2.75
CA THR A 305 -24.76 -1.51 -3.80
C THR A 305 -23.31 -1.16 -4.11
N ARG A 306 -22.88 -1.48 -5.33
CA ARG A 306 -21.49 -1.34 -5.74
C ARG A 306 -21.31 -0.20 -6.75
N MET A 307 -20.07 0.24 -6.94
CA MET A 307 -19.75 1.17 -8.02
C MET A 307 -20.04 0.54 -9.38
N ARG A 308 -20.25 1.38 -10.39
CA ARG A 308 -20.32 0.88 -11.77
C ARG A 308 -18.95 0.39 -12.22
N ALA A 309 -18.79 0.20 -13.53
CA ALA A 309 -17.50 -0.21 -14.06
C ALA A 309 -16.61 1.00 -14.37
N PRO A 310 -15.30 0.88 -14.10
CA PRO A 310 -14.32 1.91 -14.45
C PRO A 310 -14.04 1.90 -15.95
N ASP A 311 -13.50 3.00 -16.47
CA ASP A 311 -13.46 3.20 -17.92
C ASP A 311 -12.65 2.18 -18.72
N TYR A 312 -11.69 1.52 -18.09
CA TYR A 312 -10.76 0.68 -18.84
C TYR A 312 -10.87 -0.77 -18.43
N THR A 313 -11.81 -1.06 -17.54
CA THR A 313 -11.94 -2.40 -17.02
C THR A 313 -12.25 -3.36 -18.18
N THR A 314 -11.92 -4.64 -18.00
CA THR A 314 -12.46 -5.69 -18.87
C THR A 314 -13.62 -6.34 -18.14
N PRO A 315 -14.41 -7.14 -18.86
CA PRO A 315 -15.60 -7.72 -18.23
C PRO A 315 -15.21 -8.58 -17.03
N GLU A 316 -14.18 -9.41 -17.24
CA GLU A 316 -13.66 -10.29 -16.20
C GLU A 316 -13.25 -9.48 -14.98
N MET A 317 -12.43 -8.46 -15.21
CA MET A 317 -11.97 -7.60 -14.14
C MET A 317 -13.13 -7.06 -13.31
N TYR A 318 -14.18 -6.61 -13.99
CA TYR A 318 -15.25 -5.93 -13.28
C TYR A 318 -15.94 -6.91 -12.34
N GLN A 319 -16.06 -8.14 -12.79
CA GLN A 319 -16.74 -9.15 -11.99
C GLN A 319 -15.87 -9.55 -10.82
N THR A 320 -14.58 -9.67 -11.07
CA THR A 320 -13.60 -9.78 -9.99
C THR A 320 -13.89 -8.72 -8.92
N MET A 321 -13.91 -7.45 -9.32
CA MET A 321 -14.16 -6.37 -8.38
C MET A 321 -15.45 -6.62 -7.62
N LEU A 322 -16.39 -7.28 -8.28
CA LEU A 322 -17.71 -7.55 -7.70
C LEU A 322 -17.70 -8.69 -6.68
N ASP A 323 -16.85 -9.70 -6.89
CA ASP A 323 -16.63 -10.73 -5.86
C ASP A 323 -16.08 -10.03 -4.63
N CYS A 324 -14.98 -9.30 -4.85
CA CYS A 324 -14.27 -8.64 -3.75
C CYS A 324 -15.26 -7.85 -2.91
N TRP A 325 -16.35 -7.42 -3.54
CA TRP A 325 -17.35 -6.63 -2.84
C TRP A 325 -18.59 -7.45 -2.47
N HIS A 326 -18.35 -8.69 -2.03
CA HIS A 326 -19.40 -9.52 -1.46
C HIS A 326 -19.81 -8.98 -0.10
N GLY A 327 -21.11 -9.03 0.19
CA GLY A 327 -21.56 -8.68 1.52
C GLY A 327 -20.89 -9.58 2.53
N GLU A 328 -21.04 -10.89 2.36
CA GLU A 328 -20.55 -11.87 3.31
C GLU A 328 -19.04 -12.12 3.15
N PRO A 329 -18.24 -11.65 4.12
CA PRO A 329 -16.77 -11.66 4.07
C PRO A 329 -16.17 -13.01 3.73
N SER A 330 -16.98 -14.06 3.82
CA SER A 330 -16.50 -15.41 3.56
C SER A 330 -16.61 -15.74 2.08
N GLN A 331 -17.61 -15.15 1.43
CA GLN A 331 -17.91 -15.48 0.05
C GLN A 331 -16.86 -14.90 -0.89
N ARG A 332 -16.33 -13.73 -0.53
CA ARG A 332 -15.33 -13.05 -1.34
C ARG A 332 -13.98 -13.77 -1.22
N PRO A 333 -13.30 -13.98 -2.36
CA PRO A 333 -12.14 -14.87 -2.49
C PRO A 333 -10.96 -14.54 -1.58
N THR A 334 -10.03 -15.48 -1.47
CA THR A 334 -8.77 -15.23 -0.78
C THR A 334 -7.81 -14.56 -1.73
N PHE A 335 -6.89 -13.75 -1.21
CA PHE A 335 -5.87 -13.16 -2.06
C PHE A 335 -5.14 -14.30 -2.76
N SER A 336 -4.98 -15.40 -2.05
CA SER A 336 -4.33 -16.58 -2.60
C SER A 336 -5.08 -17.03 -3.86
N GLU A 337 -6.39 -16.81 -3.88
CA GLU A 337 -7.24 -17.17 -5.01
C GLU A 337 -7.27 -16.10 -6.10
N LEU A 338 -7.14 -14.83 -5.71
CA LEU A 338 -7.07 -13.73 -6.67
C LEU A 338 -5.77 -13.78 -7.45
N VAL A 339 -4.70 -14.20 -6.80
CA VAL A 339 -3.40 -14.30 -7.44
C VAL A 339 -3.51 -15.16 -8.71
N GLU A 340 -4.29 -16.24 -8.62
CA GLU A 340 -4.42 -17.17 -9.74
C GLU A 340 -5.36 -16.66 -10.82
N HIS A 341 -6.52 -16.11 -10.42
CA HIS A 341 -7.46 -15.64 -11.40
C HIS A 341 -6.76 -14.59 -12.26
N LEU A 342 -6.07 -13.68 -11.60
CA LEU A 342 -5.39 -12.59 -12.30
C LEU A 342 -4.27 -13.15 -13.15
N GLY A 343 -3.59 -14.18 -12.63
CA GLY A 343 -2.58 -14.84 -13.41
C GLY A 343 -3.24 -15.37 -14.67
N ASN A 344 -4.40 -15.98 -14.49
CA ASN A 344 -5.22 -16.44 -15.61
C ASN A 344 -5.51 -15.31 -16.58
N LEU A 345 -6.15 -14.25 -16.08
CA LEU A 345 -6.53 -13.10 -16.91
C LEU A 345 -5.34 -12.51 -17.66
N LEU A 346 -4.17 -12.53 -17.03
CA LEU A 346 -2.99 -11.90 -17.62
C LEU A 346 -2.46 -12.73 -18.80
N GLN A 347 -2.71 -14.02 -18.77
CA GLN A 347 -2.37 -14.90 -19.89
C GLN A 347 -3.37 -14.72 -21.04
N ALA A 348 -4.62 -14.48 -20.67
CA ALA A 348 -5.72 -14.34 -21.64
C ALA A 348 -5.65 -13.03 -22.41
N ASN A 349 -4.98 -12.03 -21.84
CA ASN A 349 -4.76 -10.76 -22.51
C ASN A 349 -3.53 -10.87 -23.39
N ALA A 350 -3.49 -11.95 -24.17
CA ALA A 350 -2.26 -12.36 -24.82
C ALA A 350 -1.27 -12.76 -23.73
N GLN A 351 -0.14 -13.18 -24.06
C4 B49 B . 9.71 8.84 -5.80
C5 B49 B . 7.78 3.11 1.90
C6 B49 B . 8.79 3.04 0.91
C7 B49 B . 6.88 5.18 0.98
C13 B49 B . 7.08 9.26 -3.05
C15 B49 B . 6.83 4.17 1.95
C17 B49 B . 7.91 5.10 -0.03
C20 B49 B . 8.23 6.00 -1.22
C21 B49 B . 9.40 5.29 -1.79
C22 B49 B . 7.32 11.05 -5.13
C3 B49 B . 5.91 9.77 -2.14
C12 B49 B . 7.57 7.20 -1.64
C14 B49 B . 8.69 8.90 -4.64
C16 B49 B . 8.83 4.04 -0.06
C18 B49 B . 7.81 8.10 -2.78
C19 B49 B . 7.67 9.81 -4.31
N23 B49 B . 8.74 7.93 -3.73
N24 B49 B . 9.70 4.17 -1.09
N25 B49 B . 8.00 11.35 -6.25
O27 B49 B . 10.01 5.64 -2.76
O28 B49 B . 6.42 11.85 -4.84
F29 B49 B . 5.93 4.17 2.93
C37 B49 B . 7.68 12.53 -7.06
C38 B49 B . 7.42 12.41 -8.59
N4 B49 B . 7.29 13.81 -9.14
C39 B49 B . 6.08 13.85 -10.07
C40 B49 B . 8.64 14.31 -9.77
C41 B49 B . 9.51 15.42 -9.11
C42 B49 B . 5.46 15.18 -10.67
#